data_4CBA
#
_entry.id   4CBA
#
_cell.length_a   87.422
_cell.length_b   92.848
_cell.length_c   194.949
_cell.angle_alpha   90.00
_cell.angle_beta   90.00
_cell.angle_gamma   90.00
#
_symmetry.space_group_name_H-M   'I 2 2 2'
#
loop_
_entity.id
_entity.type
_entity.pdbx_description
1 polymer 'BETA-CATENIN-LIKE PROTEIN 1'
2 non-polymer 'SULFATE ION'
3 non-polymer 1,2-ETHANEDIOL
4 water water
#
_entity_poly.entity_id   1
_entity_poly.type   'polypeptide(L)'
_entity_poly.pdbx_seq_one_letter_code
;MAHHHHHHMLDESSVKKMILTFEKRSYKNQELRIKFPDNPEKFMESELDLNDIIQEMHVVATMPDLYHLLVELNAVQSLL
GLLGHDNTDVSIAVVDLLQELTDIDTLHESEEGAEVLIDALVDGQVVALLVQNLERLDESVKEEADGVHNTLAIVENMAE
FRPEMCTEGAQQGLLQWLLKRLKAKMPFDANKLYCSEVLAILLQDNDENRELLGELDGIDVLLQQLSVFKRHNPSTAEEQ
EMMENLFDSLCSCLMLSSNRERFLKGEGLQLMNLMLREKKISRSSALKVLDHAMIGPEGTDNCHKFVDILGLRTIFPLFM
KSPRKIKKVGTTEKEHEEHVCSILASLLRNLRGQQRTRLLNKFTENDSEKVDRLMELHFKYLGAMQVADKKIEGEKHDMV
RRGEIIDNDTEEEFYLRRLDAGLFVLQHICYIMAEICNANVPQIRQRVHQILNMRGSSIKIVRHIIKEYAENIGDGRSPE
FRENEQKRILGLLENF
;
_entity_poly.pdbx_strand_id   A
#
loop_
_chem_comp.id
_chem_comp.type
_chem_comp.name
_chem_comp.formula
EDO non-polymer 1,2-ETHANEDIOL 'C2 H6 O2'
SO4 non-polymer 'SULFATE ION' 'O4 S -2'
#
# COMPACT_ATOMS: atom_id res chain seq x y z
N ASP A 11 40.84 11.93 2.08
CA ASP A 11 41.99 12.21 2.99
C ASP A 11 41.57 12.03 4.46
N GLU A 12 42.13 11.02 5.13
CA GLU A 12 41.46 10.40 6.28
C GLU A 12 41.77 11.14 7.58
N SER A 13 43.05 11.45 7.75
CA SER A 13 43.52 12.28 8.87
C SER A 13 42.84 13.65 8.82
N SER A 14 42.81 14.20 7.60
CA SER A 14 42.18 15.52 7.37
C SER A 14 40.72 15.47 7.76
N VAL A 15 40.06 14.41 7.34
CA VAL A 15 38.63 14.19 7.64
C VAL A 15 38.40 14.18 9.15
N LYS A 16 39.27 13.44 9.83
CA LYS A 16 39.23 13.30 11.29
C LYS A 16 39.33 14.68 11.95
N LYS A 17 40.30 15.43 11.46
CA LYS A 17 40.58 16.79 11.95
C LYS A 17 39.33 17.67 11.81
N MET A 18 38.74 17.57 10.63
CA MET A 18 37.51 18.30 10.31
C MET A 18 36.40 17.99 11.28
N ILE A 19 36.19 16.73 11.65
CA ILE A 19 35.10 16.42 12.57
C ILE A 19 35.31 17.11 13.91
N LEU A 20 36.54 17.08 14.38
CA LEU A 20 36.86 17.78 15.64
C LEU A 20 36.62 19.27 15.51
N THR A 21 36.99 19.83 14.34
CA THR A 21 36.69 21.21 13.98
C THR A 21 35.22 21.59 14.27
N PHE A 22 34.29 20.68 13.96
CA PHE A 22 32.87 20.88 14.25
C PHE A 22 32.52 20.64 15.72
N GLU A 23 32.94 19.48 16.22
CA GLU A 23 32.51 18.98 17.52
C GLU A 23 32.82 19.97 18.62
N LYS A 24 33.97 20.61 18.54
CA LYS A 24 34.32 21.67 19.49
C LYS A 24 33.37 22.82 19.28
N ARG A 25 33.27 23.29 18.03
CA ARG A 25 32.35 24.38 17.67
C ARG A 25 30.95 24.08 18.18
N SER A 26 30.53 22.84 17.97
CA SER A 26 29.26 22.32 18.46
C SER A 26 29.16 22.50 19.98
N TYR A 27 30.25 22.11 20.64
CA TYR A 27 30.35 22.17 22.11
C TYR A 27 30.31 23.64 22.58
N LYS A 28 31.27 24.41 22.05
CA LYS A 28 31.54 25.74 22.60
C LYS A 28 30.34 26.63 22.43
N ASN A 29 29.72 26.55 21.25
CA ASN A 29 28.55 27.39 20.95
C ASN A 29 27.40 27.10 21.86
N GLN A 30 27.22 25.81 22.21
CA GLN A 30 26.25 25.41 23.27
C GLN A 30 26.62 26.11 24.57
N GLU A 31 27.92 26.10 24.89
CA GLU A 31 28.43 26.72 26.11
C GLU A 31 28.08 28.20 26.15
N LEU A 32 28.31 28.84 25.00
CA LEU A 32 28.04 30.27 24.82
C LEU A 32 26.57 30.56 25.08
N ARG A 33 25.73 29.71 24.50
CA ARG A 33 24.27 29.82 24.62
C ARG A 33 23.87 29.75 26.09
N ILE A 34 24.46 28.78 26.77
CA ILE A 34 24.22 28.53 28.20
C ILE A 34 24.55 29.77 29.00
N LYS A 35 25.71 30.33 28.70
CA LYS A 35 26.35 31.30 29.67
C LYS A 35 25.87 32.75 29.65
N PHE A 36 26.28 33.51 28.64
CA PHE A 36 26.04 34.95 28.69
C PHE A 36 24.56 35.23 28.40
N PRO A 37 23.91 36.09 29.24
CA PRO A 37 22.50 36.45 29.11
C PRO A 37 22.05 36.65 27.66
N ASP A 38 20.75 36.50 27.43
CA ASP A 38 20.25 36.27 26.08
C ASP A 38 20.29 37.48 25.16
N ASN A 39 21.36 37.53 24.37
CA ASN A 39 21.57 38.55 23.33
C ASN A 39 21.87 37.92 21.98
N PRO A 40 21.79 38.72 20.90
CA PRO A 40 22.32 38.22 19.62
C PRO A 40 23.83 37.97 19.72
N GLU A 41 24.55 39.04 19.99
CA GLU A 41 25.97 39.16 19.71
C GLU A 41 26.81 38.05 20.34
N LYS A 42 26.47 37.65 21.57
CA LYS A 42 27.29 36.70 22.36
C LYS A 42 27.25 35.24 21.90
N PHE A 43 26.14 34.81 21.32
CA PHE A 43 26.10 33.50 20.63
C PHE A 43 26.14 33.70 19.09
N MET A 44 25.62 34.84 18.60
CA MET A 44 25.31 35.03 17.15
C MET A 44 26.41 34.62 16.17
N GLU A 45 27.62 35.12 16.37
CA GLU A 45 28.67 34.84 15.40
C GLU A 45 29.01 33.35 15.38
N SER A 46 28.83 32.65 16.51
CA SER A 46 29.03 31.20 16.60
C SER A 46 28.22 30.50 15.48
N GLU A 47 26.96 30.95 15.40
CA GLU A 47 25.95 30.29 14.60
C GLU A 47 26.37 30.23 13.14
N LEU A 48 26.94 31.31 12.65
CA LEU A 48 27.41 31.35 11.27
C LEU A 48 28.51 30.31 11.04
N ASP A 49 29.40 30.20 12.02
CA ASP A 49 30.49 29.22 11.99
C ASP A 49 29.92 27.81 11.87
N LEU A 50 28.93 27.57 12.72
CA LEU A 50 28.24 26.28 12.80
C LEU A 50 27.64 25.93 11.44
N ASN A 51 26.98 26.92 10.84
CA ASN A 51 26.27 26.74 9.59
C ASN A 51 27.24 26.31 8.49
N ASP A 52 28.39 26.99 8.45
CA ASP A 52 29.36 26.84 7.40
C ASP A 52 30.08 25.51 7.50
N ILE A 53 30.40 25.11 8.74
CA ILE A 53 31.06 23.82 8.96
C ILE A 53 30.18 22.69 8.46
N ILE A 54 28.89 22.78 8.76
CA ILE A 54 27.91 21.79 8.34
C ILE A 54 27.90 21.66 6.81
N GLN A 55 27.89 22.82 6.17
CA GLN A 55 27.89 22.91 4.71
C GLN A 55 29.12 22.21 4.13
N GLU A 56 30.25 22.51 4.75
CA GLU A 56 31.55 21.94 4.35
C GLU A 56 31.49 20.41 4.43
N MET A 57 30.94 19.94 5.55
CA MET A 57 30.79 18.52 5.82
C MET A 57 30.01 17.83 4.75
N HIS A 58 29.06 18.50 4.10
CA HIS A 58 28.31 17.94 2.99
C HIS A 58 29.17 17.27 1.90
N VAL A 59 30.44 17.66 1.80
CA VAL A 59 31.35 16.97 0.93
C VAL A 59 31.60 15.54 1.45
N VAL A 60 31.65 15.39 2.79
CA VAL A 60 31.96 14.09 3.48
C VAL A 60 31.22 12.84 2.96
N ALA A 61 30.06 13.06 2.34
CA ALA A 61 29.20 11.96 1.84
C ALA A 61 29.72 11.29 0.57
N THR A 62 30.88 11.70 0.09
CA THR A 62 31.48 11.08 -1.08
C THR A 62 32.16 9.76 -0.71
N MET A 63 32.78 9.74 0.48
CA MET A 63 33.36 8.49 1.02
C MET A 63 32.60 7.99 2.25
N PRO A 64 31.76 6.97 2.05
CA PRO A 64 31.11 6.25 3.13
C PRO A 64 32.02 5.18 3.73
N ASP A 65 33.15 4.93 3.06
CA ASP A 65 34.25 4.17 3.64
C ASP A 65 34.70 4.85 4.94
N LEU A 66 34.34 6.13 5.06
CA LEU A 66 34.63 6.92 6.24
C LEU A 66 33.38 7.21 7.08
N TYR A 67 32.46 6.25 7.17
CA TYR A 67 31.31 6.38 8.09
C TYR A 67 31.48 5.59 9.39
N HIS A 68 32.64 4.94 9.52
CA HIS A 68 33.09 4.44 10.81
C HIS A 68 33.57 5.59 11.72
N LEU A 69 33.73 6.77 11.14
CA LEU A 69 34.32 7.93 11.83
C LEU A 69 33.36 8.76 12.68
N LEU A 70 32.31 9.27 12.06
CA LEU A 70 31.36 10.25 12.65
C LEU A 70 30.73 9.78 13.96
N VAL A 71 30.43 8.48 13.96
CA VAL A 71 30.05 7.73 15.14
C VAL A 71 31.05 7.98 16.25
N GLU A 72 32.31 7.95 15.83
CA GLU A 72 33.43 7.36 16.55
C GLU A 72 33.63 7.90 17.95
N LEU A 73 33.65 9.22 18.07
CA LEU A 73 33.86 9.84 19.36
C LEU A 73 32.60 10.55 19.78
N ASN A 74 32.29 11.67 19.13
CA ASN A 74 31.30 12.53 19.70
C ASN A 74 30.09 12.93 18.85
N ALA A 75 30.27 13.05 17.53
CA ALA A 75 29.35 13.86 16.73
C ALA A 75 27.91 13.35 16.62
N VAL A 76 27.70 12.04 16.76
CA VAL A 76 26.42 11.48 16.38
C VAL A 76 25.38 12.08 17.33
N GLN A 77 25.63 11.92 18.62
CA GLN A 77 24.68 12.40 19.62
C GLN A 77 24.55 13.90 19.55
N SER A 78 25.68 14.59 19.33
CA SER A 78 25.74 16.03 19.29
C SER A 78 24.79 16.57 18.21
N LEU A 79 24.88 15.93 17.04
CA LEU A 79 24.05 16.34 15.90
C LEU A 79 22.58 16.20 16.23
N LEU A 80 22.25 15.07 16.86
CA LEU A 80 20.88 14.77 17.27
C LEU A 80 20.36 15.84 18.21
N GLY A 81 21.21 16.19 19.16
CA GLY A 81 20.91 17.21 20.19
C GLY A 81 20.65 18.53 19.51
N LEU A 82 21.38 18.78 18.41
CA LEU A 82 21.23 20.00 17.62
C LEU A 82 19.89 20.14 16.89
N LEU A 83 19.18 19.03 16.68
CA LEU A 83 17.83 19.05 16.09
C LEU A 83 16.84 19.85 16.92
N GLY A 84 17.02 19.87 18.24
CA GLY A 84 16.22 20.71 19.12
C GLY A 84 16.77 22.11 19.39
N HIS A 85 17.67 22.60 18.54
CA HIS A 85 18.30 23.88 18.79
C HIS A 85 17.28 25.01 18.84
N ASP A 86 17.52 25.99 19.71
CA ASP A 86 16.60 27.13 19.85
C ASP A 86 16.32 27.89 18.53
N ASN A 87 16.94 27.51 17.42
CA ASN A 87 16.79 28.27 16.18
C ASN A 87 16.77 27.39 14.95
N THR A 88 15.79 27.64 14.09
CA THR A 88 15.41 26.74 13.04
C THR A 88 16.53 26.56 12.05
N ASP A 89 17.36 27.57 11.82
CA ASP A 89 18.36 27.49 10.79
C ASP A 89 19.44 26.49 11.11
N VAL A 90 19.74 26.27 12.37
CA VAL A 90 20.67 25.20 12.75
C VAL A 90 20.05 23.84 12.34
N SER A 91 18.80 23.70 12.78
CA SER A 91 18.03 22.48 12.63
C SER A 91 17.95 22.06 11.17
N ILE A 92 17.62 23.03 10.36
CA ILE A 92 17.47 22.75 8.94
C ILE A 92 18.78 22.34 8.32
N ALA A 93 19.86 22.99 8.72
CA ALA A 93 21.21 22.65 8.27
C ALA A 93 21.52 21.19 8.61
N VAL A 94 21.20 20.85 9.85
CA VAL A 94 21.42 19.50 10.37
C VAL A 94 20.68 18.47 9.50
N VAL A 95 19.43 18.80 9.23
CA VAL A 95 18.54 17.97 8.42
C VAL A 95 19.15 17.73 7.04
N ASP A 96 19.62 18.82 6.46
CA ASP A 96 20.26 18.81 5.14
C ASP A 96 21.45 17.86 5.13
N LEU A 97 22.26 18.01 6.18
CA LEU A 97 23.47 17.19 6.36
C LEU A 97 23.10 15.71 6.40
N LEU A 98 22.07 15.43 7.18
CA LEU A 98 21.56 14.06 7.36
C LEU A 98 21.14 13.48 6.02
N GLN A 99 20.41 14.30 5.26
CA GLN A 99 19.91 13.92 3.95
C GLN A 99 21.08 13.55 3.03
N GLU A 100 22.10 14.40 3.07
CA GLU A 100 23.24 14.19 2.17
C GLU A 100 23.98 12.92 2.60
N LEU A 101 24.18 12.92 3.92
CA LEU A 101 24.77 11.85 4.70
C LEU A 101 24.04 10.51 4.63
N THR A 102 22.72 10.57 4.46
CA THR A 102 21.88 9.37 4.53
C THR A 102 21.48 8.89 3.16
N ASP A 103 21.70 9.74 2.15
CA ASP A 103 21.26 9.45 0.79
C ASP A 103 21.67 8.06 0.42
N ILE A 104 20.67 7.21 0.21
CA ILE A 104 20.91 5.82 -0.17
C ILE A 104 21.79 5.71 -1.40
N ASP A 105 21.44 6.49 -2.41
CA ASP A 105 21.93 6.18 -3.73
C ASP A 105 23.43 6.33 -3.73
N THR A 106 23.93 7.29 -2.95
CA THR A 106 25.35 7.37 -2.63
C THR A 106 25.73 6.45 -1.43
N LEU A 107 24.73 5.93 -0.72
CA LEU A 107 24.93 5.07 0.49
C LEU A 107 25.26 3.59 0.20
N HIS A 108 24.51 2.94 -0.69
CA HIS A 108 24.45 1.46 -0.74
C HIS A 108 25.73 0.72 -1.15
N GLU A 109 26.79 1.46 -1.46
CA GLU A 109 28.12 0.88 -1.72
C GLU A 109 28.78 0.35 -0.43
N SER A 110 28.89 1.22 0.57
CA SER A 110 29.67 0.93 1.75
C SER A 110 28.97 -0.15 2.57
N GLU A 111 29.77 -1.07 3.06
CA GLU A 111 29.25 -2.28 3.69
C GLU A 111 29.16 -2.08 5.20
N GLU A 112 30.29 -1.81 5.85
CA GLU A 112 30.27 -1.42 7.28
C GLU A 112 29.72 0.00 7.45
N GLY A 113 30.13 0.90 6.54
CA GLY A 113 29.83 2.32 6.67
C GLY A 113 28.36 2.62 6.87
N ALA A 114 27.53 1.99 6.04
CA ALA A 114 26.09 2.11 6.19
C ALA A 114 25.65 1.73 7.63
N GLU A 115 25.78 0.45 7.96
CA GLU A 115 25.22 -0.16 9.18
C GLU A 115 25.43 0.60 10.51
N VAL A 116 26.61 1.17 10.69
CA VAL A 116 26.94 1.70 12.01
C VAL A 116 26.12 2.99 12.25
N LEU A 117 26.13 3.84 11.24
CA LEU A 117 25.50 5.16 11.30
C LEU A 117 24.01 5.01 11.62
N ILE A 118 23.40 4.10 10.88
CA ILE A 118 21.96 3.82 11.00
C ILE A 118 21.66 3.35 12.43
N ASP A 119 22.50 2.46 12.91
CA ASP A 119 22.38 1.89 14.27
C ASP A 119 22.41 3.02 15.30
N ALA A 120 23.38 3.90 15.11
CA ALA A 120 23.59 5.07 15.98
C ALA A 120 22.32 5.92 16.03
N LEU A 121 21.78 6.17 14.84
CA LEU A 121 20.58 6.97 14.67
C LEU A 121 19.42 6.35 15.44
N VAL A 122 19.29 5.04 15.28
CA VAL A 122 18.25 4.25 15.94
C VAL A 122 18.36 4.41 17.46
N ASP A 123 19.58 4.28 17.93
CA ASP A 123 19.91 4.41 19.36
C ASP A 123 19.47 5.77 19.89
N GLY A 124 19.80 6.79 19.11
CA GLY A 124 19.46 8.18 19.43
C GLY A 124 18.01 8.49 19.09
N GLN A 125 17.25 7.50 18.61
CA GLN A 125 15.84 7.70 18.27
C GLN A 125 15.71 8.95 17.43
N VAL A 126 16.49 8.95 16.36
CA VAL A 126 16.59 10.02 15.41
C VAL A 126 15.19 10.51 15.00
N VAL A 127 14.31 9.54 14.75
CA VAL A 127 13.02 9.77 14.15
C VAL A 127 12.21 10.67 15.05
N ALA A 128 12.22 10.38 16.35
CA ALA A 128 11.45 11.17 17.33
C ALA A 128 11.91 12.62 17.31
N LEU A 129 13.22 12.78 17.29
CA LEU A 129 13.84 14.12 17.28
C LEU A 129 13.38 14.88 16.04
N LEU A 130 13.42 14.18 14.90
CA LEU A 130 13.02 14.75 13.62
C LEU A 130 11.57 15.23 13.68
N VAL A 131 10.73 14.38 14.24
CA VAL A 131 9.29 14.66 14.42
C VAL A 131 9.11 15.92 15.23
N GLN A 132 9.84 15.99 16.32
CA GLN A 132 9.81 17.13 17.25
C GLN A 132 10.15 18.42 16.49
N ASN A 133 11.22 18.33 15.72
CA ASN A 133 11.72 19.44 14.92
C ASN A 133 10.64 19.93 13.96
N LEU A 134 10.01 18.97 13.30
CA LEU A 134 8.92 19.21 12.34
C LEU A 134 7.79 19.97 13.01
N GLU A 135 7.44 19.49 14.19
CA GLU A 135 6.34 20.04 14.98
C GLU A 135 6.61 21.47 15.31
N ARG A 136 7.80 22.01 15.07
CA ARG A 136 8.00 23.45 15.28
C ARG A 136 8.28 24.24 14.00
N LEU A 137 8.10 23.61 12.83
CA LEU A 137 8.38 24.29 11.57
C LEU A 137 7.19 25.14 11.08
N ASP A 138 7.37 25.81 9.95
CA ASP A 138 6.43 26.86 9.53
C ASP A 138 6.52 26.91 8.00
N GLU A 139 5.63 26.19 7.32
CA GLU A 139 5.81 26.03 5.87
C GLU A 139 5.50 27.29 5.06
N SER A 140 5.14 28.38 5.75
CA SER A 140 5.16 29.73 5.15
C SER A 140 6.55 30.15 4.70
N VAL A 141 7.57 29.76 5.47
CA VAL A 141 8.95 30.16 5.22
C VAL A 141 9.63 29.12 4.34
N LYS A 142 10.04 29.52 3.14
CA LYS A 142 10.50 28.60 2.11
C LYS A 142 11.56 27.66 2.67
N GLU A 143 12.47 28.22 3.44
CA GLU A 143 13.58 27.53 4.05
C GLU A 143 13.07 26.35 4.90
N GLU A 144 12.11 26.71 5.74
CA GLU A 144 11.50 25.75 6.67
C GLU A 144 10.83 24.62 5.89
N ALA A 145 10.13 25.00 4.83
CA ALA A 145 9.44 24.06 3.95
C ALA A 145 10.42 23.07 3.37
N ASP A 146 11.57 23.59 2.91
CA ASP A 146 12.66 22.71 2.43
C ASP A 146 13.07 21.70 3.51
N GLY A 147 13.05 22.15 4.76
CA GLY A 147 13.47 21.34 5.87
C GLY A 147 12.61 20.10 6.00
N VAL A 148 11.30 20.32 5.89
CA VAL A 148 10.30 19.25 5.99
C VAL A 148 10.57 18.17 4.94
N HIS A 149 10.78 18.66 3.73
CA HIS A 149 11.04 17.83 2.55
C HIS A 149 12.29 16.97 2.80
N ASN A 150 13.32 17.64 3.30
CA ASN A 150 14.60 17.00 3.60
C ASN A 150 14.40 15.86 4.60
N THR A 151 13.63 16.17 5.64
CA THR A 151 13.33 15.21 6.71
C THR A 151 12.64 13.98 6.13
N LEU A 152 11.66 14.25 5.26
CA LEU A 152 10.89 13.21 4.60
C LEU A 152 11.82 12.29 3.79
N ALA A 153 12.71 12.93 3.06
CA ALA A 153 13.70 12.24 2.23
C ALA A 153 14.56 11.31 3.08
N ILE A 154 15.01 11.86 4.20
CA ILE A 154 15.85 11.13 5.16
C ILE A 154 15.13 9.88 5.64
N VAL A 155 13.86 10.09 6.00
CA VAL A 155 13.09 8.94 6.53
C VAL A 155 12.90 7.89 5.47
N GLU A 156 12.66 8.32 4.23
CA GLU A 156 12.53 7.41 3.08
C GLU A 156 13.79 6.57 2.94
N ASN A 157 14.93 7.25 3.03
CA ASN A 157 16.24 6.64 2.88
C ASN A 157 16.43 5.56 3.94
N MET A 158 16.14 5.97 5.16
CA MET A 158 16.29 5.07 6.32
C MET A 158 15.40 3.85 6.15
N ALA A 159 14.16 4.10 5.72
CA ALA A 159 13.18 3.05 5.51
C ALA A 159 13.70 2.03 4.52
N GLU A 160 14.27 2.55 3.41
CA GLU A 160 14.76 1.71 2.33
C GLU A 160 15.90 0.82 2.89
N PHE A 161 16.78 1.40 3.70
CA PHE A 161 17.88 0.58 4.18
C PHE A 161 17.38 -0.44 5.19
N ARG A 162 16.74 -0.01 6.28
CA ARG A 162 16.39 -0.95 7.35
C ARG A 162 14.92 -0.81 7.80
N PRO A 163 14.01 -1.60 7.19
CA PRO A 163 12.57 -1.41 7.45
C PRO A 163 12.03 -1.87 8.81
N GLU A 164 12.90 -2.31 9.71
CA GLU A 164 12.49 -2.81 11.04
C GLU A 164 12.19 -1.65 11.96
N MET A 165 12.69 -0.47 11.58
CA MET A 165 12.47 0.77 12.30
C MET A 165 11.15 1.46 11.93
N CYS A 166 10.51 0.99 10.85
CA CYS A 166 9.22 1.53 10.41
C CYS A 166 8.25 1.61 11.59
N THR A 167 8.07 0.48 12.27
CA THR A 167 7.11 0.39 13.38
C THR A 167 7.31 1.43 14.47
N GLU A 168 8.55 1.58 14.97
CA GLU A 168 8.83 2.60 16.01
C GLU A 168 9.00 4.00 15.42
N GLY A 169 9.32 4.06 14.12
CA GLY A 169 9.32 5.32 13.39
C GLY A 169 7.93 5.93 13.41
N ALA A 170 6.96 5.18 12.92
CA ALA A 170 5.57 5.50 13.19
C ALA A 170 5.40 5.32 14.68
N GLN A 171 4.61 6.16 15.35
CA GLN A 171 4.48 6.08 16.85
C GLN A 171 5.65 6.68 17.63
N GLN A 172 6.72 7.03 16.91
CA GLN A 172 7.59 8.05 17.41
C GLN A 172 6.89 9.38 17.07
N GLY A 173 5.68 9.25 16.51
CA GLY A 173 4.78 10.35 16.30
C GLY A 173 4.76 10.65 14.84
N LEU A 174 5.62 10.00 14.06
CA LEU A 174 5.78 10.31 12.64
C LEU A 174 4.47 10.11 11.91
N LEU A 175 3.81 8.98 12.22
CA LEU A 175 2.55 8.63 11.58
C LEU A 175 1.50 9.72 11.90
N GLN A 176 1.47 10.12 13.16
CA GLN A 176 0.48 11.13 13.55
C GLN A 176 0.77 12.47 12.85
N TRP A 177 2.04 12.81 12.71
CA TRP A 177 2.42 14.01 12.01
C TRP A 177 1.95 13.99 10.56
N LEU A 178 2.15 12.82 9.94
CA LEU A 178 1.84 12.65 8.52
C LEU A 178 0.37 12.92 8.26
N LEU A 179 -0.47 12.36 9.12
CA LEU A 179 -1.92 12.52 9.02
C LEU A 179 -2.29 13.99 9.08
N LYS A 180 -1.68 14.67 10.05
CA LYS A 180 -1.92 16.10 10.29
C LYS A 180 -1.57 16.90 9.02
N ARG A 181 -0.41 16.55 8.46
CA ARG A 181 0.04 17.30 7.28
C ARG A 181 -0.90 17.03 6.10
N LEU A 182 -1.37 15.80 5.97
CA LEU A 182 -2.30 15.48 4.90
C LEU A 182 -3.60 16.27 5.06
N LYS A 183 -4.06 16.38 6.31
CA LYS A 183 -5.35 16.85 6.68
C LYS A 183 -5.39 18.34 6.56
N ALA A 184 -4.21 18.96 6.58
CA ALA A 184 -4.07 20.40 6.60
C ALA A 184 -4.73 20.97 5.40
N LYS A 185 -5.57 21.98 5.61
CA LYS A 185 -6.25 22.67 4.54
C LYS A 185 -5.30 23.66 3.86
N MET A 186 -4.22 23.14 3.29
CA MET A 186 -3.28 23.92 2.49
C MET A 186 -3.42 23.50 1.03
N PRO A 187 -2.99 24.35 0.10
CA PRO A 187 -2.90 23.93 -1.30
C PRO A 187 -1.90 22.83 -1.51
N PHE A 188 -2.10 22.12 -2.61
CA PHE A 188 -1.27 20.98 -2.96
C PHE A 188 0.14 21.44 -3.36
N ASP A 189 1.12 20.77 -2.79
CA ASP A 189 2.52 21.01 -3.07
C ASP A 189 3.33 19.73 -2.92
N ALA A 190 4.58 19.78 -3.33
CA ALA A 190 5.45 18.62 -3.32
C ALA A 190 5.41 17.94 -1.96
N ASN A 191 5.36 18.75 -0.89
CA ASN A 191 5.47 18.23 0.46
C ASN A 191 4.38 17.24 0.75
N LYS A 192 3.16 17.59 0.34
CA LYS A 192 1.99 16.73 0.54
C LYS A 192 2.21 15.38 -0.15
N LEU A 193 2.70 15.47 -1.38
CA LEU A 193 2.98 14.29 -2.21
C LEU A 193 3.98 13.38 -1.49
N TYR A 194 5.03 14.02 -0.98
CA TYR A 194 6.09 13.31 -0.27
C TYR A 194 5.54 12.58 0.93
N CYS A 195 4.69 13.28 1.66
CA CYS A 195 4.02 12.74 2.87
C CYS A 195 3.23 11.50 2.50
N SER A 196 2.48 11.63 1.43
CA SER A 196 1.62 10.55 0.91
C SER A 196 2.48 9.31 0.61
N GLU A 197 3.59 9.57 -0.08
CA GLU A 197 4.52 8.53 -0.47
C GLU A 197 5.05 7.79 0.79
N VAL A 198 5.42 8.59 1.76
CA VAL A 198 6.04 8.06 2.97
C VAL A 198 5.06 7.20 3.72
N LEU A 199 3.85 7.71 3.87
CA LEU A 199 2.76 7.03 4.58
C LEU A 199 2.50 5.69 3.94
N ALA A 200 2.43 5.69 2.59
CA ALA A 200 2.18 4.47 1.84
C ALA A 200 3.23 3.43 2.14
N ILE A 201 4.48 3.89 2.13
CA ILE A 201 5.64 3.02 2.39
C ILE A 201 5.53 2.40 3.79
N LEU A 202 5.18 3.25 4.73
CA LEU A 202 5.03 2.85 6.13
C LEU A 202 4.00 1.73 6.25
N LEU A 203 2.97 1.73 5.43
CA LEU A 203 1.92 0.75 5.49
C LEU A 203 2.17 -0.56 4.73
N GLN A 204 3.18 -0.56 3.88
CA GLN A 204 3.62 -1.79 3.22
C GLN A 204 3.83 -2.94 4.22
N ASP A 205 3.03 -3.97 4.06
CA ASP A 205 3.17 -5.21 4.84
C ASP A 205 3.45 -5.05 6.31
N ASN A 206 2.85 -4.07 6.97
CA ASN A 206 3.07 -3.89 8.41
C ASN A 206 1.78 -3.55 9.21
N ASP A 207 1.29 -4.54 9.95
CA ASP A 207 -0.02 -4.52 10.54
C ASP A 207 -0.10 -3.62 11.72
N GLU A 208 0.98 -3.51 12.49
CA GLU A 208 1.03 -2.61 13.65
C GLU A 208 0.76 -1.17 13.21
N ASN A 209 1.44 -0.80 12.12
CA ASN A 209 1.31 0.56 11.57
C ASN A 209 -0.13 0.83 11.17
N ARG A 210 -0.73 -0.16 10.52
CA ARG A 210 -2.12 -0.09 10.06
C ARG A 210 -3.05 0.15 11.25
N GLU A 211 -2.80 -0.62 12.30
CA GLU A 211 -3.61 -0.54 13.52
C GLU A 211 -3.51 0.86 14.12
N LEU A 212 -2.28 1.37 14.15
CA LEU A 212 -2.00 2.70 14.68
C LEU A 212 -2.79 3.75 13.90
N LEU A 213 -2.74 3.61 12.58
CA LEU A 213 -3.44 4.52 11.67
C LEU A 213 -4.93 4.53 11.97
N GLY A 214 -5.46 3.32 12.13
CA GLY A 214 -6.88 3.11 12.43
C GLY A 214 -7.26 3.85 13.71
N GLU A 215 -6.41 3.66 14.71
CA GLU A 215 -6.60 4.26 16.04
C GLU A 215 -6.64 5.78 15.91
N LEU A 216 -5.71 6.31 15.13
CA LEU A 216 -5.58 7.75 15.00
C LEU A 216 -6.68 8.43 14.13
N ASP A 217 -7.81 7.78 13.90
CA ASP A 217 -8.75 8.23 12.86
C ASP A 217 -8.12 8.43 11.47
N GLY A 218 -7.13 7.62 11.13
CA GLY A 218 -6.47 7.78 9.86
C GLY A 218 -7.37 7.48 8.66
N ILE A 219 -8.25 6.51 8.86
CA ILE A 219 -9.18 6.07 7.82
C ILE A 219 -10.04 7.23 7.36
N ASP A 220 -10.55 7.99 8.35
CA ASP A 220 -11.40 9.15 8.08
C ASP A 220 -10.65 10.16 7.21
N VAL A 221 -9.41 10.40 7.60
CA VAL A 221 -8.52 11.35 6.91
C VAL A 221 -8.37 10.92 5.43
N LEU A 222 -8.11 9.63 5.27
CA LEU A 222 -7.87 9.06 3.95
C LEU A 222 -9.14 9.25 3.10
N LEU A 223 -10.29 8.99 3.69
CA LEU A 223 -11.54 9.09 2.98
C LEU A 223 -11.65 10.52 2.54
N GLN A 224 -11.46 11.48 3.45
CA GLN A 224 -11.75 12.88 3.17
C GLN A 224 -10.88 13.36 2.03
N GLN A 225 -9.58 13.03 2.14
CA GLN A 225 -8.61 13.44 1.12
C GLN A 225 -9.00 12.87 -0.24
N LEU A 226 -9.39 11.59 -0.22
CA LEU A 226 -9.79 10.89 -1.44
C LEU A 226 -10.97 11.59 -2.09
N SER A 227 -11.94 11.96 -1.25
CA SER A 227 -13.29 12.37 -1.75
C SER A 227 -13.28 13.55 -2.67
N VAL A 228 -12.20 14.31 -2.65
CA VAL A 228 -12.05 15.43 -3.54
C VAL A 228 -12.15 14.91 -4.96
N PHE A 229 -11.48 13.79 -5.23
CA PHE A 229 -11.42 13.24 -6.57
C PHE A 229 -12.70 12.52 -6.98
N LYS A 230 -13.70 12.48 -6.11
CA LYS A 230 -15.04 12.06 -6.50
C LYS A 230 -15.57 13.07 -7.48
N ARG A 231 -15.67 14.33 -7.05
CA ARG A 231 -16.20 15.38 -7.92
C ARG A 231 -15.12 16.38 -8.29
N HIS A 232 -14.03 15.83 -8.79
CA HIS A 232 -12.97 16.56 -9.47
C HIS A 232 -12.00 15.50 -9.89
N ASN A 233 -10.84 15.90 -10.39
CA ASN A 233 -10.10 15.01 -11.24
C ASN A 233 -8.69 15.52 -11.35
N PRO A 234 -7.71 14.76 -10.88
CA PRO A 234 -6.41 15.39 -10.66
C PRO A 234 -5.94 16.14 -11.91
N SER A 235 -5.35 17.31 -11.70
CA SER A 235 -4.93 18.18 -12.81
C SER A 235 -3.53 17.89 -13.33
N THR A 236 -2.75 17.12 -12.58
CA THR A 236 -1.34 16.92 -12.89
C THR A 236 -0.92 15.48 -12.59
N ALA A 237 0.21 15.08 -13.15
CA ALA A 237 0.81 13.81 -12.77
C ALA A 237 1.04 13.75 -11.28
N GLU A 238 1.38 14.88 -10.66
CA GLU A 238 1.75 14.94 -9.27
C GLU A 238 0.52 14.68 -8.40
N GLU A 239 -0.55 15.40 -8.71
CA GLU A 239 -1.83 15.25 -8.01
C GLU A 239 -2.34 13.81 -8.15
N GLN A 240 -2.26 13.33 -9.38
CA GLN A 240 -2.70 11.98 -9.73
C GLN A 240 -1.92 10.96 -8.93
N GLU A 241 -0.60 11.17 -8.89
CA GLU A 241 0.32 10.29 -8.16
C GLU A 241 -0.07 10.22 -6.70
N MET A 242 -0.34 11.40 -6.14
CA MET A 242 -0.74 11.54 -4.74
C MET A 242 -1.99 10.73 -4.46
N MET A 243 -2.96 10.89 -5.36
CA MET A 243 -4.24 10.21 -5.29
C MET A 243 -4.03 8.69 -5.24
N GLU A 244 -3.18 8.24 -6.16
CA GLU A 244 -2.83 6.83 -6.30
C GLU A 244 -2.25 6.30 -4.98
N ASN A 245 -1.33 7.08 -4.45
CA ASN A 245 -0.64 6.76 -3.19
C ASN A 245 -1.65 6.59 -2.07
N LEU A 246 -2.57 7.53 -2.00
CA LEU A 246 -3.63 7.55 -0.99
C LEU A 246 -4.46 6.26 -1.08
N PHE A 247 -4.81 5.93 -2.32
CA PHE A 247 -5.61 4.74 -2.60
C PHE A 247 -4.89 3.49 -2.11
N ASP A 248 -3.60 3.44 -2.43
CA ASP A 248 -2.73 2.32 -2.05
C ASP A 248 -2.72 2.16 -0.55
N SER A 249 -2.56 3.29 0.14
CA SER A 249 -2.52 3.33 1.61
C SER A 249 -3.82 2.75 2.18
N LEU A 250 -4.93 3.20 1.59
CA LEU A 250 -6.26 2.77 2.01
C LEU A 250 -6.38 1.24 1.88
N CYS A 251 -5.92 0.76 0.73
CA CYS A 251 -5.96 -0.67 0.42
C CYS A 251 -5.17 -1.47 1.45
N SER A 252 -3.99 -0.95 1.75
CA SER A 252 -3.08 -1.56 2.73
C SER A 252 -3.77 -1.67 4.08
N CYS A 253 -4.41 -0.58 4.47
CA CYS A 253 -5.13 -0.50 5.74
C CYS A 253 -6.21 -1.56 5.80
N LEU A 254 -6.95 -1.66 4.71
CA LEU A 254 -8.03 -2.63 4.56
C LEU A 254 -7.59 -4.09 4.68
N MET A 255 -6.29 -4.41 4.58
CA MET A 255 -5.85 -5.83 4.79
C MET A 255 -6.02 -6.29 6.24
N LEU A 256 -6.79 -5.59 7.06
CA LEU A 256 -6.82 -5.88 8.47
C LEU A 256 -8.20 -5.65 9.04
N SER A 257 -8.75 -6.68 9.67
CA SER A 257 -10.17 -6.74 10.00
C SER A 257 -10.76 -5.58 10.73
N SER A 258 -10.05 -5.17 11.78
CA SER A 258 -10.48 -3.99 12.55
C SER A 258 -10.76 -2.81 11.64
N ASN A 259 -9.91 -2.64 10.64
CA ASN A 259 -10.01 -1.56 9.68
C ASN A 259 -11.23 -1.71 8.80
N ARG A 260 -11.70 -2.93 8.54
CA ARG A 260 -12.93 -3.03 7.77
C ARG A 260 -14.00 -2.14 8.46
N GLU A 261 -14.13 -2.35 9.76
CA GLU A 261 -15.19 -1.71 10.52
C GLU A 261 -15.02 -0.19 10.50
N ARG A 262 -13.79 0.27 10.63
CA ARG A 262 -13.53 1.70 10.59
C ARG A 262 -13.91 2.29 9.25
N PHE A 263 -13.58 1.55 8.19
CA PHE A 263 -13.93 1.97 6.82
C PHE A 263 -15.43 2.11 6.67
N LEU A 264 -16.14 1.11 7.20
CA LEU A 264 -17.60 1.06 7.18
C LEU A 264 -18.17 2.28 7.86
N LYS A 265 -17.73 2.51 9.09
CA LYS A 265 -18.18 3.62 9.92
C LYS A 265 -17.92 4.93 9.22
N GLY A 266 -16.80 5.05 8.49
CA GLY A 266 -16.44 6.30 7.90
C GLY A 266 -17.13 6.56 6.59
N GLU A 267 -18.12 5.74 6.26
CA GLU A 267 -18.86 5.83 5.02
C GLU A 267 -17.99 5.61 3.78
N GLY A 268 -17.02 4.72 3.92
CA GLY A 268 -16.13 4.39 2.83
C GLY A 268 -16.89 3.80 1.66
N LEU A 269 -17.85 2.90 1.99
CA LEU A 269 -18.60 2.20 0.97
C LEU A 269 -19.36 3.20 0.09
N GLN A 270 -19.99 4.17 0.74
CA GLN A 270 -20.77 5.18 0.05
C GLN A 270 -19.86 5.99 -0.89
N LEU A 271 -18.70 6.34 -0.37
CA LEU A 271 -17.78 7.18 -1.14
C LEU A 271 -17.29 6.38 -2.38
N MET A 272 -17.00 5.12 -2.20
CA MET A 272 -16.51 4.39 -3.35
C MET A 272 -17.64 4.18 -4.36
N ASN A 273 -18.88 4.00 -3.88
CA ASN A 273 -19.97 3.82 -4.82
C ASN A 273 -20.21 5.11 -5.60
N LEU A 274 -20.08 6.26 -4.95
CA LEU A 274 -20.23 7.53 -5.64
C LEU A 274 -19.16 7.70 -6.67
N MET A 275 -17.94 7.28 -6.38
CA MET A 275 -16.82 7.32 -7.32
C MET A 275 -17.15 6.50 -8.54
N LEU A 276 -17.73 5.33 -8.35
CA LEU A 276 -18.11 4.46 -9.45
C LEU A 276 -19.16 5.17 -10.31
N ARG A 277 -20.16 5.71 -9.64
CA ARG A 277 -21.27 6.34 -10.36
C ARG A 277 -20.78 7.53 -11.18
N GLU A 278 -19.90 8.31 -10.58
CA GLU A 278 -19.30 9.49 -11.18
C GLU A 278 -18.57 9.13 -12.42
N LYS A 279 -17.99 7.96 -12.51
CA LYS A 279 -17.20 7.61 -13.70
C LYS A 279 -15.98 8.53 -13.97
N LYS A 280 -15.43 9.22 -12.98
CA LYS A 280 -14.16 9.93 -13.18
C LYS A 280 -12.95 8.99 -13.12
N ILE A 281 -11.73 9.50 -12.95
CA ILE A 281 -10.53 8.64 -13.02
C ILE A 281 -10.45 7.67 -11.86
N SER A 282 -10.83 8.17 -10.70
CA SER A 282 -10.84 7.40 -9.49
C SER A 282 -11.69 6.12 -9.53
N ARG A 283 -12.24 5.74 -10.67
CA ARG A 283 -13.21 4.66 -10.66
C ARG A 283 -12.52 3.32 -10.39
N SER A 284 -11.40 3.13 -11.05
CA SER A 284 -10.65 1.88 -10.98
C SER A 284 -10.20 1.63 -9.55
N SER A 285 -9.61 2.68 -8.98
CA SER A 285 -9.11 2.66 -7.59
C SER A 285 -10.25 2.34 -6.64
N ALA A 286 -11.39 3.00 -6.87
CA ALA A 286 -12.58 2.82 -6.05
C ALA A 286 -13.01 1.36 -6.07
N LEU A 287 -13.01 0.76 -7.25
CA LEU A 287 -13.37 -0.62 -7.46
C LEU A 287 -12.51 -1.54 -6.58
N LYS A 288 -11.20 -1.27 -6.67
CA LYS A 288 -10.19 -2.03 -5.94
C LYS A 288 -10.46 -1.95 -4.43
N VAL A 289 -10.73 -0.72 -4.00
CA VAL A 289 -11.01 -0.44 -2.58
C VAL A 289 -12.22 -1.24 -2.12
N LEU A 290 -13.25 -1.23 -2.94
CA LEU A 290 -14.49 -1.95 -2.67
C LEU A 290 -14.22 -3.43 -2.49
N ASP A 291 -13.42 -3.95 -3.42
CA ASP A 291 -13.03 -5.37 -3.42
C ASP A 291 -12.34 -5.72 -2.08
N HIS A 292 -11.41 -4.85 -1.72
CA HIS A 292 -10.63 -5.01 -0.50
C HIS A 292 -11.52 -4.97 0.76
N ALA A 293 -12.52 -4.13 0.73
CA ALA A 293 -13.46 -4.01 1.82
C ALA A 293 -14.24 -5.30 1.96
N MET A 294 -14.60 -5.94 0.86
CA MET A 294 -15.55 -7.03 0.90
C MET A 294 -15.00 -8.47 1.07
N ILE A 295 -13.66 -8.65 1.08
CA ILE A 295 -13.05 -9.94 0.63
C ILE A 295 -13.41 -11.19 1.40
N GLY A 296 -13.33 -11.18 2.70
CA GLY A 296 -13.42 -12.49 3.35
C GLY A 296 -14.59 -12.60 4.25
N PRO A 297 -14.49 -13.45 5.25
CA PRO A 297 -15.51 -13.39 6.28
C PRO A 297 -15.59 -12.02 6.86
N GLU A 298 -14.45 -11.33 6.92
CA GLU A 298 -14.41 -10.06 7.63
C GLU A 298 -15.02 -8.90 6.83
N GLY A 299 -15.40 -9.16 5.58
CA GLY A 299 -16.25 -8.24 4.79
C GLY A 299 -17.78 -8.38 4.94
N THR A 300 -18.27 -9.50 5.45
CA THR A 300 -19.70 -9.67 5.60
C THR A 300 -20.50 -8.40 5.89
N ASP A 301 -20.15 -7.64 6.91
CA ASP A 301 -20.91 -6.45 7.23
C ASP A 301 -20.85 -5.46 6.06
N ASN A 302 -19.67 -5.31 5.51
CA ASN A 302 -19.50 -4.39 4.37
C ASN A 302 -20.32 -4.84 3.18
N CYS A 303 -20.31 -6.15 2.95
CA CYS A 303 -21.12 -6.77 1.88
C CYS A 303 -22.59 -6.42 2.05
N HIS A 304 -23.05 -6.59 3.27
CA HIS A 304 -24.44 -6.35 3.53
C HIS A 304 -24.78 -4.86 3.35
N LYS A 305 -23.89 -4.00 3.77
CA LYS A 305 -24.16 -2.57 3.69
C LYS A 305 -24.17 -2.14 2.25
N PHE A 306 -23.31 -2.69 1.43
CA PHE A 306 -23.14 -2.31 0.04
C PHE A 306 -24.49 -2.46 -0.70
N VAL A 307 -25.11 -3.61 -0.48
CA VAL A 307 -26.42 -3.87 -1.06
C VAL A 307 -27.45 -2.88 -0.53
N ASP A 308 -27.37 -2.59 0.76
CA ASP A 308 -28.23 -1.58 1.38
C ASP A 308 -28.11 -0.22 0.69
N ILE A 309 -26.90 0.25 0.44
CA ILE A 309 -26.75 1.51 -0.29
C ILE A 309 -26.86 1.31 -1.81
N LEU A 310 -27.56 0.29 -2.25
CA LEU A 310 -27.80 0.13 -3.70
C LEU A 310 -26.55 -0.09 -4.51
N GLY A 311 -25.56 -0.73 -3.92
CA GLY A 311 -24.36 -1.10 -4.67
C GLY A 311 -24.66 -1.96 -5.88
N LEU A 312 -25.64 -2.86 -5.76
CA LEU A 312 -25.94 -3.76 -6.86
C LEU A 312 -26.19 -3.01 -8.17
N ARG A 313 -26.75 -1.81 -8.08
CA ARG A 313 -27.11 -1.04 -9.27
C ARG A 313 -25.86 -0.50 -9.96
N THR A 314 -24.83 -0.30 -9.18
CA THR A 314 -23.59 0.27 -9.68
C THR A 314 -22.71 -0.80 -10.27
N ILE A 315 -22.69 -1.95 -9.61
CA ILE A 315 -21.77 -3.01 -9.95
C ILE A 315 -22.20 -3.83 -11.17
N PHE A 316 -23.47 -4.18 -11.32
CA PHE A 316 -23.86 -5.10 -12.34
C PHE A 316 -23.72 -4.54 -13.75
N PRO A 317 -23.83 -3.23 -13.91
CA PRO A 317 -23.50 -2.61 -15.19
C PRO A 317 -22.05 -2.82 -15.55
N LEU A 318 -21.19 -2.69 -14.55
CA LEU A 318 -19.74 -2.95 -14.72
C LEU A 318 -19.50 -4.43 -15.02
N PHE A 319 -20.28 -5.30 -14.44
CA PHE A 319 -20.18 -6.72 -14.76
C PHE A 319 -20.51 -6.99 -16.22
N MET A 320 -21.52 -6.30 -16.71
CA MET A 320 -22.10 -6.49 -18.02
C MET A 320 -21.28 -5.95 -19.17
N LYS A 321 -20.74 -4.76 -19.02
CA LYS A 321 -19.91 -4.16 -20.05
C LYS A 321 -18.78 -3.40 -19.39
N SER A 322 -17.57 -3.58 -19.91
CA SER A 322 -16.40 -3.08 -19.22
C SER A 322 -15.93 -1.81 -19.91
N PRO A 323 -15.74 -0.72 -19.14
CA PRO A 323 -15.46 0.60 -19.66
C PRO A 323 -14.62 0.59 -20.93
N ARG A 324 -15.21 1.02 -22.04
CA ARG A 324 -14.47 1.14 -23.31
C ARG A 324 -13.01 1.50 -23.01
N LYS A 325 -12.85 2.48 -22.13
CA LYS A 325 -11.56 3.01 -21.74
C LYS A 325 -10.70 1.98 -21.03
N THR A 331 -5.97 1.13 -16.01
CA THR A 331 -6.15 -0.30 -15.72
C THR A 331 -6.80 -1.04 -16.91
N THR A 332 -6.22 -2.19 -17.23
CA THR A 332 -6.72 -3.04 -18.30
C THR A 332 -8.10 -3.64 -18.03
N GLU A 333 -8.61 -4.34 -19.04
CA GLU A 333 -9.93 -4.96 -18.99
C GLU A 333 -9.93 -6.11 -18.01
N LYS A 334 -8.85 -6.91 -18.03
CA LYS A 334 -8.75 -8.11 -17.22
C LYS A 334 -8.89 -7.76 -15.75
N GLU A 335 -8.16 -6.73 -15.36
CA GLU A 335 -8.15 -6.23 -13.97
C GLU A 335 -9.55 -5.84 -13.55
N HIS A 336 -10.22 -5.11 -14.43
CA HIS A 336 -11.59 -4.64 -14.22
C HIS A 336 -12.52 -5.85 -13.96
N GLU A 337 -12.37 -6.81 -14.83
CA GLU A 337 -13.18 -8.04 -14.76
C GLU A 337 -12.88 -8.79 -13.45
N GLU A 338 -11.60 -8.84 -13.12
CA GLU A 338 -11.07 -9.54 -11.96
C GLU A 338 -11.72 -8.97 -10.69
N HIS A 339 -11.71 -7.65 -10.61
CA HIS A 339 -12.20 -6.99 -9.41
C HIS A 339 -13.71 -7.20 -9.33
N VAL A 340 -14.37 -7.10 -10.50
CA VAL A 340 -15.84 -7.12 -10.45
C VAL A 340 -16.21 -8.50 -9.93
N CYS A 341 -15.73 -9.50 -10.63
CA CYS A 341 -16.04 -10.91 -10.31
C CYS A 341 -15.70 -11.23 -8.88
N SER A 342 -14.59 -10.70 -8.41
CA SER A 342 -14.12 -10.88 -7.04
C SER A 342 -15.18 -10.42 -6.05
N ILE A 343 -15.69 -9.21 -6.33
CA ILE A 343 -16.71 -8.58 -5.49
C ILE A 343 -17.96 -9.47 -5.43
N LEU A 344 -18.34 -9.95 -6.60
CA LEU A 344 -19.51 -10.82 -6.76
C LEU A 344 -19.36 -12.07 -5.91
N ALA A 345 -18.16 -12.65 -6.01
CA ALA A 345 -17.81 -13.87 -5.28
C ALA A 345 -17.96 -13.64 -3.79
N SER A 346 -17.42 -12.51 -3.35
CA SER A 346 -17.44 -12.11 -1.93
C SER A 346 -18.89 -12.02 -1.45
N LEU A 347 -19.70 -11.37 -2.28
CA LEU A 347 -21.11 -11.15 -1.95
C LEU A 347 -21.82 -12.51 -1.81
N LEU A 348 -21.52 -13.40 -2.74
CA LEU A 348 -22.16 -14.70 -2.74
C LEU A 348 -21.76 -15.49 -1.50
N ARG A 349 -20.48 -15.38 -1.12
CA ARG A 349 -19.97 -16.03 0.08
C ARG A 349 -20.71 -15.55 1.31
N ASN A 350 -20.77 -14.23 1.47
CA ASN A 350 -21.13 -13.66 2.74
C ASN A 350 -22.58 -13.31 2.93
N LEU A 351 -23.30 -13.00 1.85
CA LEU A 351 -24.64 -12.39 1.98
C LEU A 351 -25.70 -13.31 2.50
N ARG A 352 -26.42 -12.85 3.50
CA ARG A 352 -27.64 -13.54 3.91
C ARG A 352 -28.91 -12.66 3.95
N GLY A 353 -29.99 -13.26 4.41
CA GLY A 353 -31.26 -12.55 4.40
C GLY A 353 -31.64 -11.90 3.08
N GLN A 354 -32.47 -10.88 3.21
CA GLN A 354 -32.96 -10.10 2.08
C GLN A 354 -31.93 -9.65 1.02
N GLN A 355 -30.74 -9.27 1.47
CA GLN A 355 -29.72 -8.86 0.53
C GLN A 355 -29.32 -10.01 -0.40
N ARG A 356 -29.25 -11.23 0.15
CA ARG A 356 -28.94 -12.38 -0.67
C ARG A 356 -30.01 -12.59 -1.75
N THR A 357 -31.26 -12.43 -1.33
CA THR A 357 -32.40 -12.55 -2.23
C THR A 357 -32.29 -11.54 -3.38
N ARG A 358 -31.97 -10.32 -2.99
CA ARG A 358 -31.79 -9.21 -3.93
C ARG A 358 -30.72 -9.54 -4.96
N LEU A 359 -29.62 -10.06 -4.46
CA LEU A 359 -28.47 -10.44 -5.29
C LEU A 359 -28.91 -11.49 -6.32
N LEU A 360 -29.63 -12.48 -5.80
CA LEU A 360 -30.07 -13.61 -6.64
C LEU A 360 -30.98 -13.12 -7.73
N ASN A 361 -31.89 -12.20 -7.37
CA ASN A 361 -32.82 -11.62 -8.35
C ASN A 361 -32.06 -11.04 -9.55
N LYS A 362 -30.85 -10.54 -9.34
CA LYS A 362 -30.11 -9.95 -10.42
C LYS A 362 -29.63 -11.05 -11.31
N PHE A 363 -29.73 -12.30 -10.87
CA PHE A 363 -29.40 -13.42 -11.79
C PHE A 363 -30.60 -14.02 -12.54
N THR A 364 -31.80 -13.47 -12.30
CA THR A 364 -33.01 -13.95 -12.98
C THR A 364 -33.51 -12.99 -14.01
N GLU A 365 -33.47 -11.69 -13.74
CA GLU A 365 -33.62 -10.71 -14.85
C GLU A 365 -32.52 -11.05 -15.81
N ASN A 366 -32.66 -10.69 -17.08
CA ASN A 366 -33.86 -10.54 -17.82
C ASN A 366 -33.69 -11.75 -18.63
N ASP A 367 -34.44 -12.79 -18.30
CA ASP A 367 -34.20 -14.08 -18.88
C ASP A 367 -32.77 -14.53 -18.53
N SER A 368 -32.36 -14.24 -17.30
CA SER A 368 -31.03 -14.63 -16.83
C SER A 368 -29.85 -14.13 -17.68
N GLU A 369 -29.96 -12.89 -18.18
CA GLU A 369 -28.93 -12.35 -19.00
C GLU A 369 -27.59 -12.34 -18.27
N LYS A 370 -27.60 -12.15 -16.94
CA LYS A 370 -26.33 -12.14 -16.25
C LYS A 370 -25.71 -13.50 -16.24
N VAL A 371 -26.49 -14.57 -16.20
CA VAL A 371 -25.92 -15.92 -16.32
C VAL A 371 -25.24 -16.11 -17.66
N ASP A 372 -25.87 -15.61 -18.70
CA ASP A 372 -25.32 -15.64 -20.06
C ASP A 372 -23.97 -14.91 -20.09
N ARG A 373 -23.94 -13.75 -19.47
CA ARG A 373 -22.75 -12.92 -19.38
C ARG A 373 -21.61 -13.71 -18.70
N LEU A 374 -21.97 -14.35 -17.61
CA LEU A 374 -21.07 -15.11 -16.77
C LEU A 374 -20.46 -16.24 -17.60
N MET A 375 -21.30 -16.94 -18.33
CA MET A 375 -20.81 -18.07 -19.13
C MET A 375 -19.92 -17.58 -20.23
N GLU A 376 -20.26 -16.45 -20.83
CA GLU A 376 -19.40 -15.82 -21.87
C GLU A 376 -17.99 -15.59 -21.28
N LEU A 377 -17.99 -14.99 -20.09
CA LEU A 377 -16.77 -14.65 -19.41
C LEU A 377 -15.92 -15.90 -19.15
N HIS A 378 -16.60 -16.93 -18.69
CA HIS A 378 -15.99 -18.20 -18.31
C HIS A 378 -15.26 -18.79 -19.52
N PHE A 379 -15.94 -18.78 -20.66
CA PHE A 379 -15.31 -19.36 -21.85
C PHE A 379 -14.05 -18.59 -22.25
N LYS A 380 -14.17 -17.27 -22.16
CA LYS A 380 -13.09 -16.35 -22.51
C LYS A 380 -11.89 -16.72 -21.65
N TYR A 381 -12.13 -16.76 -20.36
CA TYR A 381 -11.01 -16.98 -19.45
C TYR A 381 -10.45 -18.38 -19.62
N LEU A 382 -11.33 -19.34 -19.85
CA LEU A 382 -10.99 -20.75 -19.93
C LEU A 382 -10.06 -20.97 -21.09
N GLY A 383 -10.38 -20.37 -22.25
CA GLY A 383 -9.57 -20.53 -23.44
C GLY A 383 -8.12 -20.07 -23.19
N ALA A 384 -8.05 -18.90 -22.57
CA ALA A 384 -6.78 -18.26 -22.24
C ALA A 384 -5.96 -19.17 -21.34
N MET A 385 -6.64 -19.70 -20.33
CA MET A 385 -6.01 -20.60 -19.36
C MET A 385 -5.44 -21.82 -20.06
N GLN A 386 -6.23 -22.37 -20.96
CA GLN A 386 -5.85 -23.56 -21.73
C GLN A 386 -4.59 -23.27 -22.53
N VAL A 387 -4.59 -22.11 -23.17
CA VAL A 387 -3.45 -21.67 -24.00
C VAL A 387 -2.17 -21.61 -23.13
N ALA A 388 -2.36 -20.99 -21.97
CA ALA A 388 -1.26 -20.81 -21.02
C ALA A 388 -0.71 -22.17 -20.58
N ASP A 389 -1.66 -23.05 -20.26
CA ASP A 389 -1.35 -24.39 -19.77
C ASP A 389 -0.51 -25.14 -20.80
N LYS A 390 -0.93 -25.04 -22.07
CA LYS A 390 -0.24 -25.71 -23.16
C LYS A 390 1.22 -25.24 -23.24
N LYS A 391 1.36 -23.91 -23.14
CA LYS A 391 2.68 -23.27 -23.20
C LYS A 391 3.57 -23.80 -22.08
N ILE A 392 2.97 -23.86 -20.89
CA ILE A 392 3.67 -24.33 -19.69
C ILE A 392 4.17 -25.76 -19.90
N GLU A 393 3.28 -26.58 -20.44
CA GLU A 393 3.58 -28.00 -20.72
C GLU A 393 4.76 -28.10 -21.66
N GLY A 394 4.71 -27.29 -22.70
CA GLY A 394 5.76 -27.24 -23.73
C GLY A 394 7.11 -26.91 -23.09
N GLU A 395 7.06 -25.89 -22.24
CA GLU A 395 8.25 -25.41 -21.53
C GLU A 395 8.84 -26.53 -20.69
N LYS A 396 7.97 -27.23 -19.98
CA LYS A 396 8.35 -28.34 -19.11
C LYS A 396 9.08 -29.41 -19.93
N HIS A 397 8.47 -29.72 -21.07
CA HIS A 397 9.00 -30.73 -21.99
C HIS A 397 10.41 -30.34 -22.43
N ASP A 398 10.54 -29.08 -22.79
CA ASP A 398 11.81 -28.53 -23.26
C ASP A 398 12.88 -28.65 -22.19
N MET A 399 12.48 -28.33 -20.96
CA MET A 399 13.36 -28.39 -19.79
C MET A 399 13.87 -29.81 -19.61
N VAL A 400 12.93 -30.76 -19.73
CA VAL A 400 13.25 -32.18 -19.57
C VAL A 400 14.31 -32.60 -20.60
N ARG A 401 14.07 -32.16 -21.83
CA ARG A 401 14.95 -32.47 -22.96
C ARG A 401 16.36 -31.93 -22.66
N ARG A 402 16.40 -30.70 -22.18
CA ARG A 402 17.64 -30.02 -21.85
C ARG A 402 18.14 -30.46 -20.52
N GLY A 403 17.48 -31.35 -19.80
CA GLY A 403 17.96 -31.75 -18.47
C GLY A 403 17.92 -30.69 -17.37
N GLU A 404 17.20 -29.59 -17.59
CA GLU A 404 17.06 -28.55 -16.58
C GLU A 404 16.05 -29.00 -15.54
N ILE A 405 16.45 -29.03 -14.28
CA ILE A 405 15.56 -29.54 -13.26
C ILE A 405 14.58 -28.48 -12.90
N ILE A 406 13.31 -28.82 -12.80
CA ILE A 406 12.29 -27.87 -12.42
C ILE A 406 12.29 -27.75 -10.93
N ASP A 407 12.63 -26.58 -10.40
CA ASP A 407 12.58 -26.31 -8.91
C ASP A 407 11.47 -25.30 -8.53
N ASN A 408 11.49 -24.77 -7.30
CA ASN A 408 10.44 -23.89 -6.78
C ASN A 408 10.41 -22.57 -7.51
N ASP A 409 11.54 -22.06 -7.95
CA ASP A 409 11.57 -20.85 -8.74
C ASP A 409 10.80 -21.02 -10.04
N THR A 410 11.02 -22.17 -10.67
CA THR A 410 10.34 -22.52 -11.93
C THR A 410 8.82 -22.54 -11.69
N GLU A 411 8.42 -23.17 -10.59
CA GLU A 411 7.01 -23.27 -10.27
C GLU A 411 6.40 -21.89 -10.06
N GLU A 412 7.14 -21.03 -9.37
CA GLU A 412 6.73 -19.64 -9.13
C GLU A 412 6.48 -18.92 -10.46
N GLU A 413 7.44 -19.10 -11.35
CA GLU A 413 7.42 -18.49 -12.68
C GLU A 413 6.13 -18.95 -13.44
N PHE A 414 5.89 -20.25 -13.35
CA PHE A 414 4.75 -20.84 -14.02
C PHE A 414 3.44 -20.28 -13.48
N TYR A 415 3.39 -20.13 -12.16
CA TYR A 415 2.24 -19.57 -11.45
C TYR A 415 1.97 -18.18 -11.94
N LEU A 416 3.05 -17.38 -12.10
CA LEU A 416 2.92 -16.00 -12.56
C LEU A 416 2.23 -15.95 -13.92
N ARG A 417 2.62 -16.82 -14.81
CA ARG A 417 2.08 -16.94 -16.14
C ARG A 417 0.54 -17.17 -16.06
N ARG A 418 0.19 -18.11 -15.20
CA ARG A 418 -1.21 -18.47 -15.03
C ARG A 418 -2.01 -17.30 -14.51
N LEU A 419 -1.42 -16.59 -13.55
CA LEU A 419 -2.02 -15.40 -12.95
C LEU A 419 -2.31 -14.35 -14.04
N ASP A 420 -1.30 -14.16 -14.89
CA ASP A 420 -1.38 -13.19 -15.96
C ASP A 420 -2.52 -13.58 -16.93
N ALA A 421 -2.61 -14.86 -17.23
CA ALA A 421 -3.62 -15.35 -18.15
C ALA A 421 -4.99 -15.14 -17.55
N GLY A 422 -5.11 -15.04 -16.22
CA GLY A 422 -6.40 -14.86 -15.58
C GLY A 422 -6.86 -16.00 -14.67
N LEU A 423 -5.96 -16.66 -13.96
CA LEU A 423 -6.42 -17.81 -13.21
C LEU A 423 -7.47 -17.38 -12.19
N PHE A 424 -7.12 -16.32 -11.47
CA PHE A 424 -7.90 -15.88 -10.29
C PHE A 424 -9.33 -15.55 -10.72
N VAL A 425 -9.42 -14.80 -11.84
CA VAL A 425 -10.72 -14.38 -12.36
C VAL A 425 -11.57 -15.61 -12.69
N LEU A 426 -10.93 -16.57 -13.35
CA LEU A 426 -11.58 -17.81 -13.75
C LEU A 426 -12.14 -18.53 -12.53
N GLN A 427 -11.30 -18.61 -11.50
CA GLN A 427 -11.64 -19.27 -10.24
C GLN A 427 -12.89 -18.62 -9.64
N HIS A 428 -12.85 -17.29 -9.63
CA HIS A 428 -13.95 -16.48 -9.09
C HIS A 428 -15.24 -16.78 -9.82
N ILE A 429 -15.14 -16.83 -11.13
CA ILE A 429 -16.26 -17.11 -12.02
C ILE A 429 -16.88 -18.47 -11.67
N CYS A 430 -15.98 -19.44 -11.52
CA CYS A 430 -16.37 -20.81 -11.21
C CYS A 430 -17.14 -20.84 -9.89
N TYR A 431 -16.59 -20.13 -8.91
CA TYR A 431 -17.18 -20.04 -7.57
C TYR A 431 -18.60 -19.49 -7.66
N ILE A 432 -18.71 -18.41 -8.44
CA ILE A 432 -19.99 -17.72 -8.64
C ILE A 432 -21.01 -18.68 -9.22
N MET A 433 -20.57 -19.42 -10.23
CA MET A 433 -21.41 -20.38 -10.95
C MET A 433 -21.92 -21.43 -9.97
N ALA A 434 -21.00 -21.92 -9.12
CA ALA A 434 -21.33 -22.98 -8.18
C ALA A 434 -22.38 -22.44 -7.19
N GLU A 435 -22.19 -21.20 -6.74
CA GLU A 435 -23.00 -20.74 -5.63
C GLU A 435 -24.41 -20.48 -6.18
N ILE A 436 -24.43 -19.95 -7.40
CA ILE A 436 -25.62 -19.63 -8.15
C ILE A 436 -26.41 -20.91 -8.37
N CYS A 437 -25.75 -22.01 -8.72
CA CYS A 437 -26.50 -23.21 -8.99
C CYS A 437 -26.90 -23.92 -7.69
N ASN A 438 -26.45 -23.42 -6.55
CA ASN A 438 -26.90 -23.98 -5.28
C ASN A 438 -28.01 -23.16 -4.65
N ALA A 439 -28.68 -22.29 -5.42
CA ALA A 439 -29.72 -21.44 -4.85
C ALA A 439 -31.14 -22.02 -4.95
N ASN A 440 -31.28 -23.23 -5.49
CA ASN A 440 -32.59 -23.79 -5.78
C ASN A 440 -33.42 -22.83 -6.59
N VAL A 441 -32.84 -22.32 -7.65
CA VAL A 441 -33.51 -21.50 -8.61
C VAL A 441 -33.32 -22.21 -9.96
N PRO A 442 -34.23 -23.15 -10.28
CA PRO A 442 -34.20 -23.95 -11.49
C PRO A 442 -33.74 -23.23 -12.73
N GLN A 443 -34.32 -22.05 -12.95
CA GLN A 443 -34.04 -21.21 -14.13
C GLN A 443 -32.55 -21.00 -14.32
N ILE A 444 -31.87 -20.78 -13.22
CA ILE A 444 -30.47 -20.49 -13.33
C ILE A 444 -29.71 -21.76 -13.74
N ARG A 445 -30.04 -22.86 -13.04
CA ARG A 445 -29.36 -24.12 -13.20
C ARG A 445 -29.48 -24.60 -14.65
N GLN A 446 -30.71 -24.51 -15.16
CA GLN A 446 -31.01 -24.93 -16.53
C GLN A 446 -30.17 -24.13 -17.52
N ARG A 447 -30.12 -22.83 -17.28
CA ARG A 447 -29.36 -21.91 -18.13
C ARG A 447 -27.89 -22.31 -18.16
N VAL A 448 -27.37 -22.60 -16.97
CA VAL A 448 -25.98 -23.01 -16.80
C VAL A 448 -25.70 -24.28 -17.61
N HIS A 449 -26.39 -25.35 -17.22
CA HIS A 449 -26.17 -26.67 -17.83
C HIS A 449 -26.50 -26.60 -19.32
N GLN A 450 -27.58 -25.92 -19.66
CA GLN A 450 -27.96 -25.80 -21.07
C GLN A 450 -26.69 -25.31 -21.78
N ILE A 451 -26.15 -24.20 -21.31
CA ILE A 451 -25.09 -23.49 -21.99
C ILE A 451 -23.86 -24.38 -22.11
N LEU A 452 -23.55 -25.07 -21.01
CA LEU A 452 -22.34 -25.86 -20.92
C LEU A 452 -22.28 -26.93 -22.01
N ASN A 453 -23.27 -27.81 -22.09
CA ASN A 453 -23.10 -28.93 -23.02
C ASN A 453 -23.23 -28.40 -24.44
N MET A 454 -24.19 -27.49 -24.64
CA MET A 454 -24.45 -26.83 -25.92
C MET A 454 -23.20 -26.41 -26.71
N ARG A 455 -22.15 -26.01 -25.99
CA ARG A 455 -20.87 -25.71 -26.62
C ARG A 455 -19.81 -26.72 -26.23
N GLY A 456 -20.22 -27.77 -25.52
CA GLY A 456 -19.33 -28.86 -25.15
C GLY A 456 -18.08 -28.38 -24.44
N SER A 457 -18.29 -27.73 -23.30
CA SER A 457 -17.29 -27.64 -22.26
C SER A 457 -18.11 -28.37 -21.23
N SER A 458 -17.56 -28.61 -20.06
CA SER A 458 -18.13 -29.62 -19.24
C SER A 458 -18.13 -29.22 -17.78
N ILE A 459 -19.18 -29.65 -17.08
CA ILE A 459 -19.28 -29.58 -15.65
C ILE A 459 -17.95 -29.99 -15.01
N LYS A 460 -17.36 -31.05 -15.57
CA LYS A 460 -16.22 -31.73 -14.98
C LYS A 460 -15.07 -30.75 -14.80
N ILE A 461 -14.81 -29.99 -15.85
CA ILE A 461 -13.75 -28.98 -15.88
C ILE A 461 -13.94 -27.98 -14.75
N VAL A 462 -15.19 -27.52 -14.65
CA VAL A 462 -15.59 -26.53 -13.64
C VAL A 462 -15.30 -27.08 -12.24
N ARG A 463 -15.71 -28.33 -12.05
CA ARG A 463 -15.53 -29.04 -10.79
C ARG A 463 -14.05 -29.08 -10.40
N HIS A 464 -13.25 -29.43 -11.39
CA HIS A 464 -11.81 -29.54 -11.24
C HIS A 464 -11.22 -28.21 -10.78
N ILE A 465 -11.67 -27.17 -11.46
CA ILE A 465 -11.23 -25.79 -11.18
C ILE A 465 -11.54 -25.43 -9.74
N ILE A 466 -12.77 -25.76 -9.34
CA ILE A 466 -13.27 -25.50 -7.98
C ILE A 466 -12.37 -26.16 -6.96
N LYS A 467 -12.07 -27.43 -7.25
CA LYS A 467 -11.23 -28.27 -6.38
C LYS A 467 -9.87 -27.61 -6.20
N GLU A 468 -9.31 -27.18 -7.33
CA GLU A 468 -8.00 -26.54 -7.36
C GLU A 468 -8.00 -25.29 -6.49
N TYR A 469 -9.05 -24.51 -6.65
CA TYR A 469 -9.24 -23.26 -5.90
C TYR A 469 -9.25 -23.54 -4.41
N ALA A 470 -10.00 -24.58 -4.04
CA ALA A 470 -10.15 -25.01 -2.66
C ALA A 470 -8.78 -25.37 -2.08
N GLU A 471 -8.03 -26.12 -2.87
CA GLU A 471 -6.69 -26.58 -2.51
C GLU A 471 -5.79 -25.47 -1.96
N ASN A 472 -5.83 -24.29 -2.55
CA ASN A 472 -4.83 -23.25 -2.21
C ASN A 472 -5.42 -22.07 -1.45
N ILE A 473 -6.58 -22.29 -0.89
CA ILE A 473 -7.35 -21.18 -0.40
C ILE A 473 -6.87 -20.70 0.96
N GLY A 474 -6.76 -19.39 1.13
CA GLY A 474 -6.62 -18.76 2.44
C GLY A 474 -5.19 -18.48 2.85
N ASP A 475 -4.36 -18.19 1.86
CA ASP A 475 -2.92 -18.33 2.00
C ASP A 475 -2.35 -17.98 3.35
N GLY A 476 -2.66 -16.78 3.83
CA GLY A 476 -2.06 -16.30 5.07
C GLY A 476 -3.00 -16.37 6.25
N ARG A 477 -3.62 -17.53 6.50
CA ARG A 477 -4.54 -17.64 7.64
C ARG A 477 -4.59 -19.01 8.33
N SER A 478 -5.21 -19.03 9.51
CA SER A 478 -5.17 -20.19 10.40
C SER A 478 -5.46 -21.46 9.63
N PRO A 479 -4.76 -22.56 9.95
CA PRO A 479 -5.04 -23.81 9.25
C PRO A 479 -6.47 -24.26 9.45
N GLU A 480 -7.04 -23.98 10.64
CA GLU A 480 -8.42 -24.31 10.94
C GLU A 480 -9.35 -23.68 9.92
N PHE A 481 -9.10 -22.39 9.67
CA PHE A 481 -9.87 -21.60 8.72
C PHE A 481 -9.86 -22.25 7.34
N ARG A 482 -8.65 -22.62 6.93
CA ARG A 482 -8.42 -23.09 5.55
C ARG A 482 -9.25 -24.36 5.31
N GLU A 483 -9.19 -25.25 6.27
CA GLU A 483 -9.92 -26.53 6.16
C GLU A 483 -11.40 -26.29 6.10
N ASN A 484 -11.88 -25.35 6.92
CA ASN A 484 -13.30 -24.97 6.95
C ASN A 484 -13.74 -24.47 5.57
N GLU A 485 -13.03 -23.47 5.09
CA GLU A 485 -13.34 -22.81 3.82
C GLU A 485 -13.36 -23.81 2.68
N GLN A 486 -12.34 -24.64 2.66
CA GLN A 486 -12.16 -25.69 1.65
C GLN A 486 -13.37 -26.61 1.65
N LYS A 487 -13.75 -27.02 2.86
CA LYS A 487 -14.89 -27.92 3.06
C LYS A 487 -16.16 -27.30 2.50
N ARG A 488 -16.34 -26.03 2.83
CA ARG A 488 -17.50 -25.24 2.40
C ARG A 488 -17.59 -25.22 0.88
N ILE A 489 -16.45 -24.94 0.28
CA ILE A 489 -16.37 -24.83 -1.17
C ILE A 489 -16.70 -26.17 -1.81
N LEU A 490 -16.19 -27.25 -1.23
CA LEU A 490 -16.47 -28.60 -1.71
C LEU A 490 -17.95 -28.89 -1.68
N GLY A 491 -18.57 -28.50 -0.56
CA GLY A 491 -20.01 -28.65 -0.36
C GLY A 491 -20.82 -28.07 -1.51
N LEU A 492 -20.32 -27.05 -2.19
CA LEU A 492 -21.06 -26.54 -3.31
C LEU A 492 -21.17 -27.61 -4.39
N LEU A 493 -20.18 -28.49 -4.47
CA LEU A 493 -20.13 -29.45 -5.59
C LEU A 493 -21.19 -30.53 -5.52
N GLU A 494 -21.66 -30.83 -4.30
CA GLU A 494 -22.69 -31.85 -4.12
C GLU A 494 -23.86 -31.58 -5.07
N ASN A 495 -24.52 -30.43 -4.92
CA ASN A 495 -25.76 -30.13 -5.63
C ASN A 495 -25.59 -29.37 -6.95
N PHE A 496 -24.44 -29.56 -7.58
CA PHE A 496 -24.12 -28.85 -8.80
C PHE A 496 -23.00 -29.60 -9.55
S SO4 B . -31.57 -3.71 -5.81
O1 SO4 B . -32.61 -2.74 -6.10
O2 SO4 B . -31.16 -4.38 -7.07
O3 SO4 B . -32.15 -4.70 -4.87
O4 SO4 B . -30.44 -2.97 -5.19
S SO4 C . -18.07 -17.68 8.06
O1 SO4 C . -17.95 -16.25 8.45
O2 SO4 C . -18.16 -17.94 6.63
O3 SO4 C . -19.22 -18.38 8.68
O4 SO4 C . -16.76 -18.22 8.45
S SO4 D . -31.52 -16.68 5.60
O1 SO4 D . -32.55 -16.09 6.51
O2 SO4 D . -31.86 -16.46 4.18
O3 SO4 D . -31.41 -18.14 5.80
O4 SO4 D . -30.22 -15.98 5.76
S SO4 E . -18.44 3.63 -19.58
O1 SO4 E . -19.53 4.52 -20.07
O2 SO4 E . -17.24 3.63 -20.48
O3 SO4 E . -19.04 2.28 -19.41
O4 SO4 E . -17.96 4.11 -18.27
C1 EDO F . -14.80 -15.75 -1.96
O1 EDO F . -14.26 -17.03 -1.62
C2 EDO F . -13.74 -14.62 -1.98
O2 EDO F . -14.03 -13.70 -0.92
#